data_5WB0
#
_entry.id   5WB0
#
_cell.length_a   177.700
_cell.length_b   177.700
_cell.length_c   177.700
_cell.angle_alpha   90.000
_cell.angle_beta   90.000
_cell.angle_gamma   90.000
#
_symmetry.space_group_name_H-M   'I 21 3'
#
loop_
_entity.id
_entity.type
_entity.pdbx_description
1 polymer 'Fusion glycoprotein F0'
2 branched 2-acetamido-2-deoxy-beta-D-glucopyranose-(1-4)-2-acetamido-2-deoxy-beta-D-glucopyranose
3 branched alpha-D-mannopyranose-(1-3)-beta-D-mannopyranose-(1-4)-2-acetamido-2-deoxy-beta-D-glucopyranose-(1-4)-2-acetamido-2-deoxy-beta-D-glucopyranose
4 non-polymer 2-acetamido-2-deoxy-beta-D-glucopyranose
5 non-polymer 'SULFATE ION'
6 water water
#
_entity_poly.entity_id   1
_entity_poly.type   'polypeptide(L)'
_entity_poly.pdbx_seq_one_letter_code
;MSWKVVIIFSLLITPQHGLKESYLEESCSTITEGYLSVLRTGWYTNVFTLEVGDVENLTCADGPSLIKTELDLTKSALRE
LRTVSADQLAREEQIENPRRRRFVLGAIALGVATAAAVTAGVAIAKTIRLESEVTAIKNALKKTNEAVSTLGNGVRVLAT
AVRELKDFVSKNLTRAINKNKCDIPDLKMAVSFSQFNRRFLNVVRQFSDNAGITPAISLDLMTDAELARAVSNMPTSAGQ
IKLMLENRAMVRRKGFGILIGVYGSSVIYMVQLPIFGVIDTPCWIVKAAPSCSEKKGNYACLLREDQGWYCQNAGSTVYY
PNEKDCETRGDHVFCDTAAGINVAEQSKECNINISTTNYPCKVSTGRHPISMVALSPLGALVACYKGVSCSIGSNRVGII
KQLNKGCSYITNQDADTVTIDNTVYQLSKVEGEQHVIKGRPVSSSFDPVKFPEDQFNVALDQVFESIENSQALVDQSNRI
LSSAEKGNTSGRENLYFQGGGGSGYIPEAPRDGQAYVRKDGEWVLLSTFLGGIEGRHHHHHH
;
_entity_poly.pdbx_strand_id   F
#
# COMPACT_ATOMS: atom_id res chain seq x y z
N LEU A 19 14.90 7.37 16.15
CA LEU A 19 15.03 5.95 15.80
C LEU A 19 16.24 5.32 16.46
N LYS A 20 16.08 4.07 16.90
CA LYS A 20 17.12 3.35 17.62
C LYS A 20 17.25 1.96 17.00
N GLU A 21 18.42 1.68 16.43
CA GLU A 21 18.66 0.42 15.74
C GLU A 21 19.65 -0.43 16.53
N SER A 22 19.30 -1.69 16.74
CA SER A 22 20.14 -2.65 17.45
C SER A 22 20.62 -3.71 16.46
N TYR A 23 21.93 -3.87 16.37
CA TYR A 23 22.51 -4.98 15.61
C TYR A 23 22.62 -6.20 16.53
N LEU A 24 21.95 -7.28 16.16
CA LEU A 24 21.90 -8.50 16.96
C LEU A 24 22.96 -9.45 16.42
N GLU A 25 24.13 -9.44 17.07
CA GLU A 25 25.27 -10.21 16.58
C GLU A 25 25.00 -11.71 16.59
N GLU A 26 24.15 -12.18 17.50
CA GLU A 26 23.94 -13.61 17.62
C GLU A 26 23.11 -14.20 16.47
N SER A 27 22.53 -13.36 15.60
CA SER A 27 21.69 -13.86 14.54
C SER A 27 21.84 -13.10 13.22
N CYS A 28 22.83 -12.21 13.12
CA CYS A 28 23.07 -11.44 11.89
C CYS A 28 21.80 -10.71 11.44
N SER A 29 21.21 -9.96 12.36
CA SER A 29 19.95 -9.30 12.13
C SER A 29 19.96 -7.95 12.84
N THR A 30 19.00 -7.10 12.48
CA THR A 30 18.81 -5.82 13.14
C THR A 30 17.35 -5.66 13.53
N ILE A 31 17.13 -4.83 14.54
CA ILE A 31 15.80 -4.36 14.90
C ILE A 31 15.88 -2.86 15.10
N THR A 32 14.98 -2.13 14.45
CA THR A 32 14.96 -0.67 14.50
C THR A 32 13.65 -0.24 15.14
N GLU A 33 13.75 0.47 16.26
CA GLU A 33 12.59 0.90 17.03
C GLU A 33 12.46 2.41 16.96
N GLY A 34 11.30 2.89 17.44
CA GLY A 34 11.00 4.31 17.42
C GLY A 34 10.04 4.74 16.33
N TYR A 35 9.56 3.80 15.51
CA TYR A 35 8.61 4.15 14.47
C TYR A 35 7.22 4.38 15.05
N LEU A 36 6.44 5.21 14.37
CA LEU A 36 5.09 5.55 14.78
C LEU A 36 4.10 4.99 13.78
N SER A 37 3.08 4.29 14.27
CA SER A 37 2.15 3.61 13.40
C SER A 37 1.21 4.60 12.70
N VAL A 38 0.81 4.24 11.49
CA VAL A 38 -0.36 4.79 10.84
C VAL A 38 -1.09 3.58 10.26
N LEU A 39 -2.08 3.07 10.99
CA LEU A 39 -2.72 1.81 10.65
C LEU A 39 -4.06 2.08 9.98
N ARG A 40 -4.27 1.48 8.81
CA ARG A 40 -5.57 1.51 8.17
C ARG A 40 -6.48 0.54 8.91
N THR A 41 -7.50 1.07 9.58
CA THR A 41 -8.40 0.27 10.39
C THR A 41 -9.80 0.15 9.80
N GLY A 42 -10.19 1.01 8.87
CA GLY A 42 -11.51 0.94 8.30
C GLY A 42 -11.56 1.58 6.92
N TRP A 43 -12.75 1.58 6.34
CA TRP A 43 -13.00 2.19 5.05
C TRP A 43 -14.15 3.18 5.17
N TYR A 44 -13.95 4.39 4.67
CA TYR A 44 -15.01 5.38 4.56
C TYR A 44 -15.45 5.46 3.09
N THR A 45 -16.77 5.38 2.87
CA THR A 45 -17.33 5.28 1.53
C THR A 45 -17.91 6.62 1.12
N ASN A 46 -17.41 7.16 0.00
CA ASN A 46 -17.90 8.41 -0.57
C ASN A 46 -18.56 8.08 -1.89
N VAL A 47 -19.88 8.23 -1.96
CA VAL A 47 -20.65 7.95 -3.16
C VAL A 47 -20.79 9.23 -3.97
N PHE A 48 -20.54 9.14 -5.27
CA PHE A 48 -20.61 10.28 -6.17
C PHE A 48 -21.71 10.07 -7.19
N THR A 49 -22.40 11.17 -7.52
CA THR A 49 -23.29 11.24 -8.67
C THR A 49 -22.77 12.35 -9.57
N LEU A 50 -22.14 11.97 -10.68
CA LEU A 50 -21.63 12.93 -11.65
C LEU A 50 -22.73 13.17 -12.68
N GLU A 51 -23.32 14.35 -12.65
CA GLU A 51 -24.42 14.69 -13.54
C GLU A 51 -23.87 15.12 -14.90
N VAL A 52 -24.25 14.42 -15.95
CA VAL A 52 -23.81 14.73 -17.31
C VAL A 52 -24.77 15.67 -18.02
N GLY A 53 -26.06 15.53 -17.75
CA GLY A 53 -27.05 16.37 -18.41
C GLY A 53 -27.70 15.67 -19.58
N ASP A 54 -28.60 16.41 -20.24
CA ASP A 54 -29.33 15.90 -21.40
C ASP A 54 -28.44 16.09 -22.64
N VAL A 55 -27.62 15.08 -22.91
CA VAL A 55 -26.73 15.11 -24.06
C VAL A 55 -27.20 14.19 -25.19
N GLU A 56 -28.04 13.19 -24.89
CA GLU A 56 -28.57 12.33 -25.95
C GLU A 56 -29.45 13.13 -26.91
N ASN A 57 -30.28 14.02 -26.37
CA ASN A 57 -31.22 14.80 -27.17
C ASN A 57 -30.56 15.98 -27.87
N LEU A 58 -29.23 16.04 -27.89
CA LEU A 58 -28.49 17.03 -28.67
C LEU A 58 -27.95 16.38 -29.93
N THR A 59 -28.06 17.08 -31.05
CA THR A 59 -27.62 16.57 -32.33
C THR A 59 -26.95 17.68 -33.12
N CYS A 60 -25.88 17.34 -33.83
CA CYS A 60 -25.20 18.25 -34.74
C CYS A 60 -25.35 17.68 -36.16
N ALA A 61 -26.05 18.42 -37.02
CA ALA A 61 -26.33 17.97 -38.37
C ALA A 61 -25.64 18.81 -39.44
N ASP A 62 -24.92 19.85 -39.05
CA ASP A 62 -24.27 20.75 -40.01
C ASP A 62 -22.83 20.36 -40.30
N GLY A 63 -22.52 19.06 -40.32
CA GLY A 63 -21.21 18.60 -40.70
C GLY A 63 -20.22 18.57 -39.55
N PRO A 64 -18.93 18.58 -39.88
CA PRO A 64 -17.90 18.51 -38.83
C PRO A 64 -17.79 19.82 -38.09
N SER A 65 -17.58 19.72 -36.78
CA SER A 65 -17.53 20.89 -35.92
C SER A 65 -16.67 20.59 -34.71
N LEU A 66 -16.17 21.66 -34.09
CA LEU A 66 -15.51 21.52 -32.79
C LEU A 66 -16.50 21.01 -31.74
N ILE A 67 -17.69 21.62 -31.69
CA ILE A 67 -18.71 21.22 -30.72
C ILE A 67 -19.18 19.79 -31.02
N LYS A 68 -19.31 19.44 -32.29
CA LYS A 68 -19.69 18.07 -32.63
C LYS A 68 -18.66 17.07 -32.12
N THR A 69 -17.36 17.38 -32.28
CA THR A 69 -16.32 16.50 -31.78
C THR A 69 -16.41 16.31 -30.28
N GLU A 70 -16.63 17.41 -29.53
CA GLU A 70 -16.77 17.31 -28.09
C GLU A 70 -18.07 16.59 -27.71
N LEU A 71 -19.14 16.79 -28.49
CA LEU A 71 -20.39 16.11 -28.21
C LEU A 71 -20.29 14.61 -28.52
N ASP A 72 -19.58 14.25 -29.60
CA ASP A 72 -19.43 12.84 -29.95
C ASP A 72 -18.56 12.11 -28.94
N LEU A 73 -17.50 12.76 -28.45
CA LEU A 73 -16.71 12.16 -27.38
C LEU A 73 -17.57 11.92 -26.13
N THR A 74 -18.43 12.88 -25.79
CA THR A 74 -19.22 12.77 -24.56
C THR A 74 -20.27 11.67 -24.67
N LYS A 75 -20.96 11.58 -25.80
CA LYS A 75 -21.94 10.52 -25.96
C LYS A 75 -21.30 9.14 -26.10
N SER A 76 -20.13 9.07 -26.75
CA SER A 76 -19.43 7.80 -26.85
C SER A 76 -18.94 7.33 -25.47
N ALA A 77 -18.47 8.26 -24.64
CA ALA A 77 -18.02 7.89 -23.30
C ALA A 77 -19.19 7.45 -22.43
N LEU A 78 -20.34 8.11 -22.57
CA LEU A 78 -21.51 7.72 -21.79
C LEU A 78 -22.01 6.34 -22.19
N ARG A 79 -21.98 6.04 -23.48
CA ARG A 79 -22.44 4.74 -23.96
C ARG A 79 -21.45 3.63 -23.60
N GLU A 80 -20.15 3.94 -23.67
CA GLU A 80 -19.13 2.95 -23.31
C GLU A 80 -19.25 2.49 -21.86
N LEU A 81 -19.76 3.37 -20.99
CA LEU A 81 -19.85 3.07 -19.57
C LEU A 81 -20.82 1.95 -19.24
N ARG A 82 -21.64 1.52 -20.20
CA ARG A 82 -22.63 0.48 -19.96
C ARG A 82 -22.12 -0.93 -20.27
N THR A 83 -20.93 -1.05 -20.85
CA THR A 83 -20.24 -2.34 -20.95
C THR A 83 -19.17 -2.49 -19.89
N VAL A 84 -19.31 -1.79 -18.76
CA VAL A 84 -18.40 -1.88 -17.63
C VAL A 84 -19.21 -2.30 -16.41
N SER A 85 -18.72 -3.29 -15.68
CA SER A 85 -19.40 -3.78 -14.49
C SER A 85 -18.37 -4.32 -13.51
N ALA A 86 -18.55 -4.00 -12.23
CA ALA A 86 -17.61 -4.41 -11.20
C ALA A 86 -18.05 -5.66 -10.44
N ASP A 87 -19.33 -6.02 -10.49
CA ASP A 87 -19.81 -7.24 -9.87
C ASP A 87 -20.48 -8.07 -10.95
N GLN A 88 -21.81 -8.12 -10.97
CA GLN A 88 -22.52 -9.01 -11.89
C GLN A 88 -22.21 -8.66 -13.35
N LEU A 89 -22.18 -9.69 -14.20
CA LEU A 89 -21.89 -9.48 -15.61
C LEU A 89 -22.94 -8.60 -16.26
N ALA A 90 -22.52 -7.86 -17.28
CA ALA A 90 -23.42 -6.99 -18.03
C ALA A 90 -24.08 -7.75 -19.18
N PHE A 103 4.86 -23.79 9.05
CA PHE A 103 4.10 -22.74 8.38
C PHE A 103 4.98 -21.60 7.89
N VAL A 104 4.65 -21.05 6.73
CA VAL A 104 5.32 -19.90 6.16
C VAL A 104 4.39 -18.71 6.37
N LEU A 105 4.67 -17.91 7.41
CA LEU A 105 3.80 -16.79 7.76
C LEU A 105 3.59 -15.83 6.59
N GLY A 106 4.66 -15.50 5.86
CA GLY A 106 4.52 -14.58 4.74
C GLY A 106 3.59 -15.12 3.67
N ALA A 107 3.71 -16.40 3.34
CA ALA A 107 2.87 -16.99 2.29
C ALA A 107 1.40 -17.07 2.72
N ILE A 108 1.14 -17.19 4.02
CA ILE A 108 -0.24 -17.27 4.49
C ILE A 108 -0.93 -15.90 4.40
N ALA A 109 -0.18 -14.81 4.62
CA ALA A 109 -0.75 -13.47 4.60
C ALA A 109 -0.66 -12.78 3.24
N LEU A 110 0.02 -13.39 2.28
CA LEU A 110 0.25 -12.72 1.00
C LEU A 110 -1.06 -12.50 0.25
N GLY A 111 -1.31 -11.25 -0.13
CA GLY A 111 -2.49 -10.90 -0.90
C GLY A 111 -3.78 -10.83 -0.12
N VAL A 112 -3.75 -11.01 1.20
CA VAL A 112 -4.98 -11.02 1.99
C VAL A 112 -5.60 -9.63 2.01
N ALA A 113 -4.81 -8.61 2.36
CA ALA A 113 -5.35 -7.26 2.49
C ALA A 113 -5.93 -6.77 1.17
N THR A 114 -5.22 -7.01 0.07
CA THR A 114 -5.73 -6.57 -1.23
C THR A 114 -7.05 -7.23 -1.56
N ALA A 115 -7.15 -8.54 -1.32
CA ALA A 115 -8.42 -9.24 -1.57
C ALA A 115 -9.49 -8.78 -0.60
N ALA A 116 -9.11 -8.50 0.66
CA ALA A 116 -10.08 -8.03 1.64
C ALA A 116 -10.64 -6.67 1.26
N ALA A 117 -9.78 -5.80 0.70
CA ALA A 117 -10.24 -4.48 0.29
C ALA A 117 -11.28 -4.57 -0.81
N VAL A 118 -11.09 -5.47 -1.77
CA VAL A 118 -12.04 -5.61 -2.86
C VAL A 118 -13.34 -6.22 -2.37
N THR A 119 -13.25 -7.21 -1.49
CA THR A 119 -14.45 -7.82 -0.93
C THR A 119 -15.29 -6.79 -0.18
N ALA A 120 -14.63 -5.96 0.65
CA ALA A 120 -15.35 -4.94 1.39
C ALA A 120 -16.01 -3.93 0.44
N GLY A 121 -15.28 -3.50 -0.58
CA GLY A 121 -15.83 -2.52 -1.51
C GLY A 121 -16.97 -3.08 -2.34
N VAL A 122 -16.83 -4.32 -2.82
CA VAL A 122 -17.89 -4.92 -3.61
C VAL A 122 -19.12 -5.18 -2.76
N ALA A 123 -18.93 -5.49 -1.47
CA ALA A 123 -20.07 -5.81 -0.62
C ALA A 123 -20.98 -4.59 -0.41
N ILE A 124 -20.39 -3.41 -0.20
CA ILE A 124 -21.19 -2.22 -0.02
C ILE A 124 -21.70 -1.69 -1.35
N ALA A 125 -20.94 -1.89 -2.44
CA ALA A 125 -21.45 -1.53 -3.77
C ALA A 125 -22.70 -2.33 -4.12
N LYS A 126 -22.83 -3.54 -3.58
CA LYS A 126 -24.03 -4.33 -3.79
C LYS A 126 -25.25 -3.63 -3.21
N THR A 127 -25.09 -3.00 -2.04
CA THR A 127 -26.20 -2.23 -1.47
C THR A 127 -26.47 -0.97 -2.29
N ILE A 128 -25.42 -0.25 -2.66
CA ILE A 128 -25.57 1.01 -3.36
C ILE A 128 -26.16 0.81 -4.75
N ARG A 129 -25.90 -0.34 -5.38
CA ARG A 129 -26.35 -0.55 -6.76
C ARG A 129 -27.85 -0.75 -6.87
N LEU A 130 -28.55 -0.95 -5.76
CA LEU A 130 -30.01 -1.10 -5.81
C LEU A 130 -30.65 0.19 -6.30
N GLU A 131 -31.71 0.05 -7.10
CA GLU A 131 -32.38 1.21 -7.67
C GLU A 131 -32.96 2.10 -6.57
N SER A 132 -33.52 1.49 -5.53
CA SER A 132 -34.08 2.26 -4.43
C SER A 132 -32.99 3.02 -3.68
N GLU A 133 -31.83 2.39 -3.48
CA GLU A 133 -30.72 3.05 -2.80
C GLU A 133 -30.18 4.24 -3.59
N VAL A 134 -30.23 4.14 -4.92
CA VAL A 134 -29.74 5.24 -5.76
C VAL A 134 -30.68 6.43 -5.67
N THR A 135 -31.99 6.20 -5.76
CA THR A 135 -32.93 7.31 -5.67
C THR A 135 -32.83 8.00 -4.31
N ALA A 136 -32.61 7.22 -3.25
CA ALA A 136 -32.41 7.82 -1.93
C ALA A 136 -31.17 8.70 -1.90
N ILE A 137 -30.09 8.25 -2.55
CA ILE A 137 -28.89 9.08 -2.66
C ILE A 137 -29.19 10.35 -3.43
N LYS A 138 -29.88 10.23 -4.56
CA LYS A 138 -30.22 11.41 -5.36
C LYS A 138 -31.16 12.34 -4.59
N ASN A 139 -32.03 11.79 -3.75
CA ASN A 139 -32.93 12.62 -2.94
C ASN A 139 -32.15 13.43 -1.92
N ALA A 140 -31.17 12.81 -1.26
CA ALA A 140 -30.35 13.53 -0.29
C ALA A 140 -29.53 14.64 -0.94
N LEU A 141 -29.29 14.56 -2.24
CA LEU A 141 -28.46 15.52 -2.96
C LEU A 141 -29.28 16.53 -3.77
N LYS A 142 -30.61 16.56 -3.60
CA LYS A 142 -31.42 17.44 -4.43
C LYS A 142 -31.10 18.91 -4.17
N LYS A 143 -30.94 19.28 -2.90
CA LYS A 143 -30.79 20.68 -2.53
C LYS A 143 -29.37 21.06 -2.13
N THR A 144 -28.41 20.13 -2.24
CA THR A 144 -27.05 20.39 -1.82
C THR A 144 -26.09 19.50 -2.59
N ASN A 145 -24.81 19.85 -2.52
CA ASN A 145 -23.77 19.08 -3.20
C ASN A 145 -23.11 18.03 -2.31
N GLU A 146 -23.49 17.97 -1.03
CA GLU A 146 -22.89 17.01 -0.11
C GLU A 146 -23.87 16.72 1.01
N ALA A 147 -23.98 15.44 1.38
CA ALA A 147 -24.88 15.04 2.45
C ALA A 147 -24.42 13.73 3.04
N VAL A 148 -24.52 13.61 4.36
CA VAL A 148 -24.30 12.34 5.04
C VAL A 148 -25.56 11.50 4.91
N SER A 149 -25.40 10.25 4.51
CA SER A 149 -26.53 9.36 4.29
C SER A 149 -26.24 8.00 4.89
N THR A 150 -27.29 7.32 5.32
CA THR A 150 -27.20 5.95 5.81
C THR A 150 -27.91 5.03 4.82
N LEU A 151 -27.23 3.96 4.43
CA LEU A 151 -27.79 3.01 3.48
C LEU A 151 -28.71 2.02 4.19
N GLY A 152 -29.41 1.22 3.39
CA GLY A 152 -30.34 0.25 3.94
C GLY A 152 -29.70 -0.78 4.85
N ASN A 153 -28.39 -1.02 4.69
CA ASN A 153 -27.67 -1.95 5.55
C ASN A 153 -27.11 -1.28 6.80
N GLY A 154 -27.55 -0.07 7.12
CA GLY A 154 -27.10 0.61 8.32
C GLY A 154 -25.72 1.23 8.24
N VAL A 155 -25.08 1.21 7.07
CA VAL A 155 -23.75 1.79 6.89
C VAL A 155 -23.90 3.25 6.53
N ARG A 156 -23.07 4.09 7.15
CA ARG A 156 -23.12 5.53 6.96
C ARG A 156 -22.07 5.93 5.92
N VAL A 157 -22.50 6.65 4.89
CA VAL A 157 -21.62 7.08 3.81
C VAL A 157 -21.79 8.58 3.60
N LEU A 158 -20.84 9.15 2.86
CA LEU A 158 -20.92 10.52 2.39
C LEU A 158 -21.35 10.52 0.93
N ALA A 159 -22.32 11.37 0.58
CA ALA A 159 -22.82 11.50 -0.77
C ALA A 159 -22.42 12.85 -1.35
N THR A 160 -21.92 12.84 -2.58
CA THR A 160 -21.38 14.03 -3.22
C THR A 160 -21.92 14.14 -4.63
N ALA A 161 -22.38 15.33 -5.00
CA ALA A 161 -22.87 15.60 -6.34
C ALA A 161 -21.86 16.44 -7.11
N VAL A 162 -21.73 16.14 -8.41
CA VAL A 162 -20.86 16.87 -9.33
C VAL A 162 -21.71 17.26 -10.53
N ARG A 163 -22.04 18.55 -10.64
CA ARG A 163 -23.09 19.00 -11.55
C ARG A 163 -22.63 19.97 -12.64
N GLU A 164 -21.35 20.32 -12.71
CA GLU A 164 -20.93 21.37 -13.64
C GLU A 164 -21.25 21.00 -15.09
N LEU A 165 -20.94 19.76 -15.48
CA LEU A 165 -21.20 19.36 -16.86
C LEU A 165 -22.69 19.39 -17.18
N LYS A 166 -23.53 18.90 -16.27
CA LYS A 166 -24.97 19.00 -16.48
C LYS A 166 -25.42 20.46 -16.55
N ASP A 167 -24.91 21.30 -15.65
CA ASP A 167 -25.28 22.71 -15.66
C ASP A 167 -24.83 23.40 -16.93
N PHE A 168 -23.62 23.08 -17.40
CA PHE A 168 -23.16 23.66 -18.66
C PHE A 168 -24.02 23.18 -19.83
N VAL A 169 -24.38 21.90 -19.85
CA VAL A 169 -25.21 21.38 -20.92
C VAL A 169 -26.59 22.02 -20.90
N SER A 170 -27.20 22.13 -19.72
CA SER A 170 -28.55 22.67 -19.62
C SER A 170 -28.56 24.17 -19.84
N LYS A 171 -27.75 24.90 -19.07
CA LYS A 171 -27.86 26.36 -19.05
C LYS A 171 -27.17 27.03 -20.24
N ASN A 172 -26.15 26.40 -20.82
CA ASN A 172 -25.32 27.09 -21.81
C ASN A 172 -25.29 26.39 -23.16
N LEU A 173 -24.94 25.10 -23.20
CA LEU A 173 -24.70 24.45 -24.49
C LEU A 173 -25.98 24.25 -25.28
N THR A 174 -27.05 23.77 -24.63
CA THR A 174 -28.28 23.46 -25.34
C THR A 174 -28.90 24.71 -25.95
N ARG A 175 -28.80 25.86 -25.29
CA ARG A 175 -29.32 27.09 -25.86
C ARG A 175 -28.58 27.49 -27.13
N ALA A 176 -27.27 27.23 -27.20
CA ALA A 176 -26.49 27.62 -28.36
C ALA A 176 -26.72 26.73 -29.57
N ILE A 177 -27.27 25.53 -29.38
CA ILE A 177 -27.57 24.64 -30.50
C ILE A 177 -29.05 24.77 -30.85
N ASN A 178 -29.43 25.92 -31.40
CA ASN A 178 -30.81 26.13 -31.82
C ASN A 178 -31.03 25.42 -33.15
N LYS A 179 -31.67 24.25 -33.08
CA LYS A 179 -31.99 23.42 -34.25
C LYS A 179 -30.72 22.92 -34.93
N ASN A 180 -29.91 22.21 -34.14
CA ASN A 180 -28.90 21.26 -34.61
C ASN A 180 -27.76 21.90 -35.40
N LYS A 181 -27.53 23.20 -35.25
CA LYS A 181 -26.40 23.86 -35.91
C LYS A 181 -25.31 24.10 -34.88
N CYS A 182 -24.23 23.32 -34.96
CA CYS A 182 -23.16 23.35 -33.96
C CYS A 182 -21.93 24.10 -34.42
N ASP A 183 -21.75 24.32 -35.73
CA ASP A 183 -20.62 25.08 -36.25
C ASP A 183 -20.87 26.59 -36.09
N ILE A 184 -21.11 26.97 -34.84
CA ILE A 184 -21.47 28.36 -34.50
C ILE A 184 -20.20 29.20 -34.45
N PRO A 185 -20.30 30.53 -34.64
CA PRO A 185 -19.10 31.37 -34.58
C PRO A 185 -18.51 31.52 -33.19
N ASP A 186 -19.18 31.02 -32.15
CA ASP A 186 -18.70 31.14 -30.78
C ASP A 186 -17.76 29.96 -30.49
N LEU A 187 -16.45 30.23 -30.55
CA LEU A 187 -15.48 29.22 -30.17
C LEU A 187 -15.30 29.12 -28.66
N LYS A 188 -15.62 30.20 -27.92
CA LYS A 188 -15.63 30.14 -26.47
C LYS A 188 -16.53 29.01 -25.99
N MET A 189 -17.64 28.77 -26.68
CA MET A 189 -18.55 27.70 -26.31
C MET A 189 -17.92 26.33 -26.50
N ALA A 190 -17.23 26.13 -27.64
CA ALA A 190 -16.58 24.85 -27.90
C ALA A 190 -15.45 24.59 -26.90
N VAL A 191 -14.66 25.62 -26.58
CA VAL A 191 -13.55 25.43 -25.64
C VAL A 191 -14.10 25.25 -24.22
N SER A 192 -15.18 25.95 -23.88
CA SER A 192 -15.82 25.73 -22.59
C SER A 192 -16.32 24.29 -22.46
N PHE A 193 -16.91 23.75 -23.53
CA PHE A 193 -17.38 22.37 -23.53
C PHE A 193 -16.25 21.40 -23.23
N SER A 194 -15.11 21.57 -23.91
CA SER A 194 -13.96 20.69 -23.68
C SER A 194 -13.38 20.83 -22.28
N GLN A 195 -13.54 22.00 -21.64
CA GLN A 195 -13.10 22.13 -20.25
C GLN A 195 -14.07 21.44 -19.30
N PHE A 196 -15.37 21.54 -19.57
CA PHE A 196 -16.37 21.04 -18.64
C PHE A 196 -16.54 19.52 -18.70
N ASN A 197 -16.25 18.90 -19.84
CA ASN A 197 -16.42 17.46 -19.98
C ASN A 197 -15.14 16.67 -19.69
N ARG A 198 -14.02 17.36 -19.43
CA ARG A 198 -12.76 16.67 -19.22
C ARG A 198 -12.82 15.71 -18.04
N ARG A 199 -13.45 16.13 -16.93
CA ARG A 199 -13.50 15.27 -15.76
C ARG A 199 -14.33 14.02 -16.02
N PHE A 200 -15.48 14.17 -16.67
CA PHE A 200 -16.35 13.03 -16.95
C PHE A 200 -15.69 12.05 -17.91
N LEU A 201 -14.97 12.55 -18.91
CA LEU A 201 -14.26 11.67 -19.84
C LEU A 201 -13.18 10.87 -19.13
N ASN A 202 -12.44 11.49 -18.22
CA ASN A 202 -11.39 10.78 -17.48
C ASN A 202 -11.98 9.74 -16.54
N VAL A 203 -13.12 10.06 -15.92
CA VAL A 203 -13.78 9.07 -15.07
C VAL A 203 -14.18 7.85 -15.89
N VAL A 204 -14.65 8.05 -17.12
CA VAL A 204 -15.02 6.93 -17.96
C VAL A 204 -13.78 6.16 -18.40
N ARG A 205 -12.70 6.86 -18.75
CA ARG A 205 -11.46 6.18 -19.12
C ARG A 205 -10.97 5.29 -17.99
N GLN A 206 -10.93 5.83 -16.76
CA GLN A 206 -10.35 5.10 -15.65
C GLN A 206 -11.19 3.87 -15.28
N PHE A 207 -12.51 3.93 -15.44
CA PHE A 207 -13.34 2.79 -15.11
C PHE A 207 -13.38 1.76 -16.24
N SER A 208 -13.31 2.20 -17.50
CA SER A 208 -13.35 1.26 -18.62
C SER A 208 -12.05 0.49 -18.74
N ASP A 209 -10.92 1.13 -18.45
CA ASP A 209 -9.63 0.45 -18.57
C ASP A 209 -9.44 -0.58 -17.47
N ASN A 210 -10.06 -0.37 -16.30
CA ASN A 210 -9.86 -1.23 -15.14
C ASN A 210 -11.08 -2.09 -14.83
N ALA A 211 -12.01 -2.22 -15.78
CA ALA A 211 -13.19 -3.07 -15.62
C ALA A 211 -13.99 -2.70 -14.37
N GLY A 212 -14.09 -1.40 -14.08
CA GLY A 212 -14.97 -0.91 -13.06
C GLY A 212 -14.36 -0.71 -11.68
N ILE A 213 -13.11 -1.14 -11.48
CA ILE A 213 -12.46 -1.04 -10.17
C ILE A 213 -11.11 -0.37 -10.40
N THR A 214 -11.04 0.93 -10.14
CA THR A 214 -9.78 1.65 -10.32
C THR A 214 -8.76 1.19 -9.29
N PRO A 215 -7.46 1.20 -9.64
CA PRO A 215 -6.43 0.80 -8.68
C PRO A 215 -6.17 1.85 -7.61
N ALA A 216 -6.48 3.12 -7.87
CA ALA A 216 -6.30 4.18 -6.89
C ALA A 216 -7.39 5.23 -7.08
N ILE A 217 -7.28 6.32 -6.32
CA ILE A 217 -8.22 7.43 -6.37
C ILE A 217 -7.57 8.55 -7.16
N SER A 218 -7.98 8.71 -8.42
CA SER A 218 -7.42 9.76 -9.26
C SER A 218 -8.03 11.11 -8.89
N LEU A 219 -7.48 12.17 -9.49
CA LEU A 219 -7.99 13.52 -9.29
C LEU A 219 -9.30 13.77 -10.01
N ASP A 220 -9.72 12.85 -10.88
CA ASP A 220 -11.02 12.94 -11.55
C ASP A 220 -12.10 12.19 -10.78
N LEU A 221 -11.73 11.15 -10.04
CA LEU A 221 -12.69 10.52 -9.14
C LEU A 221 -12.98 11.42 -7.94
N MET A 222 -11.98 12.17 -7.50
CA MET A 222 -12.09 12.93 -6.25
C MET A 222 -11.07 14.06 -6.31
N THR A 223 -11.54 15.30 -6.30
CA THR A 223 -10.64 16.44 -6.31
C THR A 223 -10.00 16.63 -4.94
N ASP A 224 -9.08 17.59 -4.84
CA ASP A 224 -8.44 17.87 -3.57
C ASP A 224 -9.46 18.35 -2.54
N ALA A 225 -10.40 19.20 -2.95
CA ALA A 225 -11.41 19.69 -2.02
C ALA A 225 -12.34 18.58 -1.56
N GLU A 226 -12.72 17.68 -2.47
CA GLU A 226 -13.61 16.59 -2.11
C GLU A 226 -12.92 15.57 -1.21
N LEU A 227 -11.64 15.29 -1.49
CA LEU A 227 -10.87 14.42 -0.61
C LEU A 227 -10.72 15.02 0.78
N ALA A 228 -10.45 16.33 0.86
CA ALA A 228 -10.37 16.98 2.16
C ALA A 228 -11.71 16.97 2.88
N ARG A 229 -12.81 17.08 2.13
CA ARG A 229 -14.13 17.04 2.75
C ARG A 229 -14.47 15.64 3.26
N ALA A 230 -14.09 14.61 2.51
CA ALA A 230 -14.42 13.25 2.91
C ALA A 230 -13.61 12.81 4.12
N VAL A 231 -12.31 13.14 4.15
CA VAL A 231 -11.47 12.80 5.29
C VAL A 231 -11.99 13.48 6.55
N SER A 232 -12.40 14.74 6.44
CA SER A 232 -12.94 15.46 7.60
C SER A 232 -14.20 14.80 8.17
N ASN A 233 -14.93 14.05 7.35
CA ASN A 233 -16.16 13.38 7.78
C ASN A 233 -15.92 11.97 8.29
N MET A 234 -14.68 11.52 8.36
CA MET A 234 -14.41 10.13 8.74
C MET A 234 -14.74 9.90 10.21
N PRO A 235 -15.20 8.69 10.54
CA PRO A 235 -15.51 8.36 11.96
C PRO A 235 -14.26 7.97 12.73
N THR A 236 -13.42 8.97 13.02
CA THR A 236 -12.23 8.78 13.84
C THR A 236 -11.94 10.08 14.56
N SER A 237 -10.83 10.11 15.30
CA SER A 237 -10.53 11.23 16.18
C SER A 237 -9.79 12.35 15.43
N ALA A 238 -9.60 13.46 16.12
CA ALA A 238 -9.10 14.67 15.47
C ALA A 238 -7.67 14.51 14.99
N GLY A 239 -6.80 13.94 15.84
CA GLY A 239 -5.41 13.76 15.45
C GLY A 239 -5.25 12.88 14.22
N GLN A 240 -6.07 11.83 14.13
CA GLN A 240 -6.05 10.97 12.94
C GLN A 240 -6.48 11.75 11.71
N ILE A 241 -7.56 12.53 11.82
CA ILE A 241 -8.03 13.32 10.69
C ILE A 241 -7.01 14.38 10.30
N LYS A 242 -6.34 14.98 11.29
CA LYS A 242 -5.33 15.98 10.97
C LYS A 242 -4.16 15.38 10.21
N LEU A 243 -3.69 14.20 10.64
CA LEU A 243 -2.61 13.53 9.93
C LEU A 243 -3.05 13.14 8.52
N MET A 244 -4.27 12.61 8.39
CA MET A 244 -4.77 12.23 7.07
C MET A 244 -4.95 13.45 6.17
N LEU A 245 -5.43 14.56 6.73
CA LEU A 245 -5.62 15.77 5.93
C LEU A 245 -4.29 16.32 5.43
N GLU A 246 -3.30 16.41 6.32
CA GLU A 246 -1.99 16.95 5.97
C GLU A 246 -1.18 16.01 5.09
N ASN A 247 -1.56 14.74 5.00
CA ASN A 247 -0.88 13.75 4.16
C ASN A 247 -1.90 13.00 3.30
N ARG A 248 -2.80 13.75 2.65
CA ARG A 248 -3.91 13.12 1.96
C ARG A 248 -3.51 12.45 0.66
N ALA A 249 -2.30 12.71 0.15
CA ALA A 249 -1.83 11.96 -1.01
C ALA A 249 -1.64 10.49 -0.69
N MET A 250 -1.34 10.15 0.57
CA MET A 250 -1.28 8.76 0.99
C MET A 250 -2.66 8.14 1.12
N VAL A 251 -3.64 8.91 1.58
CA VAL A 251 -5.03 8.44 1.56
C VAL A 251 -5.44 8.13 0.12
N ARG A 252 -5.10 9.02 -0.81
CA ARG A 252 -5.34 8.79 -2.22
C ARG A 252 -4.75 7.47 -2.68
N ARG A 253 -3.49 7.23 -2.31
CA ARG A 253 -2.76 6.07 -2.81
C ARG A 253 -3.30 4.76 -2.26
N LYS A 254 -3.89 4.79 -1.06
CA LYS A 254 -4.36 3.57 -0.41
C LYS A 254 -5.84 3.28 -0.65
N GLY A 255 -6.56 4.19 -1.30
CA GLY A 255 -7.95 3.98 -1.63
C GLY A 255 -8.14 3.63 -3.10
N PHE A 256 -9.41 3.41 -3.46
CA PHE A 256 -9.74 3.02 -4.82
C PHE A 256 -11.21 3.34 -5.07
N GLY A 257 -11.61 3.19 -6.33
CA GLY A 257 -12.96 3.53 -6.73
C GLY A 257 -13.64 2.40 -7.48
N ILE A 258 -14.95 2.27 -7.26
CA ILE A 258 -15.76 1.23 -7.88
C ILE A 258 -16.91 1.89 -8.62
N LEU A 259 -17.11 1.49 -9.87
CA LEU A 259 -18.24 1.99 -10.64
C LEU A 259 -19.53 1.32 -10.16
N ILE A 260 -20.55 2.13 -9.90
CA ILE A 260 -21.86 1.58 -9.53
C ILE A 260 -22.74 1.41 -10.76
N GLY A 261 -22.76 2.39 -11.64
CA GLY A 261 -23.50 2.28 -12.88
C GLY A 261 -23.96 3.64 -13.37
N VAL A 262 -24.66 3.63 -14.49
CA VAL A 262 -25.23 4.82 -15.10
C VAL A 262 -26.73 4.80 -14.84
N TYR A 263 -27.24 5.86 -14.24
CA TYR A 263 -28.67 5.96 -13.88
C TYR A 263 -29.22 7.24 -14.49
N GLY A 264 -29.91 7.12 -15.62
CA GLY A 264 -30.35 8.27 -16.37
C GLY A 264 -29.17 8.97 -17.01
N SER A 265 -28.97 10.24 -16.67
CA SER A 265 -27.82 11.01 -17.13
C SER A 265 -26.77 11.18 -16.04
N SER A 266 -26.86 10.40 -14.96
CA SER A 266 -25.93 10.49 -13.85
C SER A 266 -25.03 9.26 -13.83
N VAL A 267 -23.72 9.49 -13.76
CA VAL A 267 -22.76 8.44 -13.50
C VAL A 267 -22.59 8.32 -11.99
N ILE A 268 -22.73 7.10 -11.48
CA ILE A 268 -22.68 6.85 -10.04
C ILE A 268 -21.52 5.91 -9.77
N TYR A 269 -20.59 6.36 -8.93
CA TYR A 269 -19.47 5.53 -8.49
C TYR A 269 -19.25 5.79 -7.01
N MET A 270 -18.43 4.93 -6.40
CA MET A 270 -18.10 5.03 -5.00
C MET A 270 -16.59 5.01 -4.86
N VAL A 271 -16.09 5.72 -3.84
CA VAL A 271 -14.67 5.78 -3.56
C VAL A 271 -14.46 5.24 -2.14
N GLN A 272 -13.64 4.21 -2.04
CA GLN A 272 -13.27 3.63 -0.74
C GLN A 272 -12.05 4.38 -0.22
N LEU A 273 -12.23 5.10 0.88
CA LEU A 273 -11.15 5.89 1.46
C LEU A 273 -10.61 5.21 2.70
N PRO A 274 -9.29 5.01 2.80
CA PRO A 274 -8.74 4.34 3.97
C PRO A 274 -8.85 5.22 5.21
N ILE A 275 -9.36 4.63 6.29
CA ILE A 275 -9.45 5.29 7.58
C ILE A 275 -8.23 4.87 8.39
N PHE A 276 -7.29 5.79 8.58
CA PHE A 276 -6.12 5.53 9.43
C PHE A 276 -6.51 5.87 10.86
N GLY A 277 -7.22 4.93 11.50
CA GLY A 277 -7.83 5.16 12.79
C GLY A 277 -6.93 5.01 13.99
N VAL A 278 -5.73 4.45 13.81
CA VAL A 278 -4.74 4.33 14.87
C VAL A 278 -3.45 4.94 14.38
N ILE A 279 -2.88 5.87 15.16
CA ILE A 279 -1.63 6.52 14.80
C ILE A 279 -0.73 6.60 16.02
N ASP A 280 0.58 6.59 15.77
CA ASP A 280 1.62 6.91 16.75
C ASP A 280 1.71 5.87 17.86
N THR A 281 1.39 4.62 17.57
CA THR A 281 1.73 3.52 18.46
C THR A 281 3.04 2.89 18.01
N PRO A 282 3.73 2.19 18.91
CA PRO A 282 5.08 1.70 18.57
C PRO A 282 5.07 0.72 17.40
N CYS A 283 5.99 0.93 16.47
CA CYS A 283 6.29 -0.04 15.43
C CYS A 283 7.80 -0.27 15.38
N TRP A 284 8.19 -1.40 14.83
CA TRP A 284 9.59 -1.71 14.62
C TRP A 284 9.73 -2.68 13.46
N ILE A 285 10.90 -2.67 12.85
CA ILE A 285 11.20 -3.49 11.68
C ILE A 285 12.41 -4.37 11.98
N VAL A 286 12.35 -5.61 11.51
CA VAL A 286 13.43 -6.59 11.67
C VAL A 286 13.99 -6.91 10.30
N LYS A 287 15.30 -6.72 10.14
CA LYS A 287 16.04 -7.15 8.96
C LYS A 287 17.00 -8.26 9.35
N ALA A 288 17.37 -9.09 8.36
CA ALA A 288 18.25 -10.21 8.63
C ALA A 288 19.02 -10.59 7.37
N ALA A 289 20.16 -11.24 7.58
CA ALA A 289 21.03 -11.75 6.53
C ALA A 289 21.54 -13.11 6.96
N PRO A 290 21.99 -13.94 6.01
CA PRO A 290 22.43 -15.29 6.36
C PRO A 290 23.59 -15.29 7.35
N SER A 291 23.41 -15.99 8.45
CA SER A 291 24.45 -16.19 9.45
C SER A 291 25.11 -17.54 9.19
N CYS A 292 26.34 -17.52 8.67
CA CYS A 292 27.06 -18.71 8.28
C CYS A 292 28.33 -18.87 9.10
N SER A 293 28.53 -20.07 9.63
CA SER A 293 29.76 -20.44 10.33
C SER A 293 30.38 -21.64 9.64
N GLU A 294 31.70 -21.64 9.48
CA GLU A 294 32.37 -22.71 8.76
C GLU A 294 33.46 -23.34 9.61
N LYS A 295 33.55 -24.66 9.53
CA LYS A 295 34.61 -25.42 10.18
C LYS A 295 35.11 -26.46 9.20
N LYS A 296 36.41 -26.43 8.88
CA LYS A 296 37.05 -27.41 8.01
C LYS A 296 36.40 -27.44 6.62
N GLY A 297 36.04 -26.27 6.11
CA GLY A 297 35.50 -26.15 4.77
C GLY A 297 34.03 -26.45 4.63
N ASN A 298 33.34 -26.79 5.71
CA ASN A 298 31.91 -27.05 5.68
C ASN A 298 31.18 -25.96 6.45
N TYR A 299 29.95 -25.68 6.04
CA TYR A 299 29.18 -24.56 6.54
C TYR A 299 27.91 -25.01 7.23
N ALA A 300 27.56 -24.30 8.30
CA ALA A 300 26.24 -24.33 8.91
C ALA A 300 25.70 -22.92 8.86
N CYS A 301 24.55 -22.74 8.22
CA CYS A 301 23.97 -21.42 7.98
C CYS A 301 22.53 -21.40 8.45
N LEU A 302 22.10 -20.25 8.99
CA LEU A 302 20.69 -20.02 9.25
C LEU A 302 20.35 -18.57 8.89
N LEU A 303 19.06 -18.33 8.69
CA LEU A 303 18.54 -17.04 8.31
C LEU A 303 17.20 -16.83 9.02
N ARG A 304 17.09 -15.72 9.75
CA ARG A 304 15.83 -15.40 10.41
C ARG A 304 14.73 -15.18 9.38
N GLU A 305 13.58 -15.81 9.63
CA GLU A 305 12.43 -15.70 8.75
C GLU A 305 11.27 -14.93 9.37
N ASP A 306 11.57 -14.08 10.36
CA ASP A 306 10.58 -13.19 10.96
C ASP A 306 10.86 -11.73 10.60
N GLN A 307 11.49 -11.51 9.44
CA GLN A 307 11.78 -10.15 8.99
C GLN A 307 10.48 -9.41 8.66
N GLY A 308 10.55 -8.08 8.75
CA GLY A 308 9.40 -7.27 8.41
C GLY A 308 8.96 -6.33 9.51
N TRP A 309 7.76 -5.79 9.37
CA TRP A 309 7.24 -4.77 10.27
C TRP A 309 6.39 -5.38 11.38
N TYR A 310 6.47 -4.78 12.55
CA TYR A 310 5.66 -5.13 13.70
C TYR A 310 5.05 -3.84 14.26
N CYS A 311 3.75 -3.85 14.55
CA CYS A 311 3.11 -2.70 15.16
C CYS A 311 2.18 -3.16 16.26
N GLN A 312 2.10 -2.36 17.32
CA GLN A 312 1.20 -2.64 18.44
C GLN A 312 -0.08 -1.84 18.30
N ASN A 313 -1.17 -2.42 18.79
CA ASN A 313 -2.48 -1.76 18.77
C ASN A 313 -3.42 -2.49 19.72
N ALA A 314 -4.02 -1.73 20.64
CA ALA A 314 -5.10 -2.23 21.51
C ALA A 314 -4.70 -3.50 22.26
N GLY A 315 -3.42 -3.62 22.61
CA GLY A 315 -2.96 -4.69 23.47
C GLY A 315 -2.37 -5.89 22.78
N SER A 316 -2.23 -5.86 21.46
CA SER A 316 -1.66 -6.98 20.73
C SER A 316 -0.61 -6.47 19.76
N THR A 317 0.24 -7.39 19.32
CA THR A 317 1.29 -7.11 18.35
C THR A 317 0.94 -7.79 17.04
N VAL A 318 1.00 -7.03 15.94
CA VAL A 318 0.68 -7.55 14.62
C VAL A 318 1.96 -7.57 13.80
N TYR A 319 2.22 -8.71 13.17
CA TYR A 319 3.37 -8.89 12.31
C TYR A 319 2.94 -8.76 10.85
N TYR A 320 3.61 -7.88 10.11
CA TYR A 320 3.33 -7.64 8.70
C TYR A 320 4.46 -8.21 7.87
N PRO A 321 4.37 -9.47 7.44
CA PRO A 321 5.53 -10.15 6.84
C PRO A 321 5.84 -9.76 5.41
N ASN A 322 4.91 -9.15 4.67
CA ASN A 322 5.12 -8.90 3.25
C ASN A 322 5.42 -7.44 2.97
N GLU A 323 6.16 -7.21 1.87
CA GLU A 323 6.76 -5.91 1.59
C GLU A 323 5.69 -4.84 1.33
N LYS A 324 4.80 -5.09 0.35
CA LYS A 324 3.85 -4.08 -0.09
C LYS A 324 2.86 -3.67 1.00
N ASP A 325 2.87 -4.34 2.15
CA ASP A 325 1.84 -4.13 3.15
C ASP A 325 2.12 -2.96 4.09
N CYS A 326 3.39 -2.61 4.28
CA CYS A 326 3.75 -1.42 5.06
C CYS A 326 4.65 -0.52 4.21
N GLU A 327 4.68 0.75 4.57
CA GLU A 327 5.38 1.76 3.78
C GLU A 327 5.70 2.93 4.70
N THR A 328 6.96 3.36 4.69
CA THR A 328 7.37 4.43 5.60
C THR A 328 7.24 5.80 4.94
N ARG A 329 7.01 6.80 5.78
CA ARG A 329 7.16 8.22 5.43
C ARG A 329 7.85 8.85 6.64
N GLY A 330 9.19 8.82 6.65
CA GLY A 330 9.91 9.26 7.82
C GLY A 330 9.78 8.25 8.94
N ASP A 331 9.55 8.76 10.15
CA ASP A 331 9.36 7.90 11.32
C ASP A 331 8.01 7.20 11.33
N HIS A 332 7.09 7.60 10.46
CA HIS A 332 5.77 6.97 10.38
C HIS A 332 5.80 5.84 9.37
N VAL A 333 5.09 4.76 9.69
CA VAL A 333 4.97 3.61 8.80
C VAL A 333 3.47 3.35 8.59
N PHE A 334 3.05 3.35 7.33
CA PHE A 334 1.66 3.12 6.97
C PHE A 334 1.46 1.64 6.69
N CYS A 335 0.65 0.98 7.51
CA CYS A 335 0.38 -0.45 7.37
C CYS A 335 -1.11 -0.69 7.23
N ASP A 336 -1.46 -1.67 6.41
CA ASP A 336 -2.83 -2.16 6.31
C ASP A 336 -3.01 -3.29 7.33
N THR A 337 -3.94 -3.10 8.27
CA THR A 337 -4.10 -4.09 9.33
C THR A 337 -4.58 -5.44 8.80
N ALA A 338 -5.34 -5.43 7.71
CA ALA A 338 -5.81 -6.68 7.11
C ALA A 338 -4.68 -7.51 6.52
N ALA A 339 -3.46 -6.98 6.51
CA ALA A 339 -2.30 -7.65 5.92
C ALA A 339 -1.46 -8.38 6.94
N GLY A 340 -1.75 -8.21 8.24
CA GLY A 340 -0.88 -8.71 9.28
C GLY A 340 -1.38 -10.00 9.92
N ILE A 341 -0.53 -10.57 10.75
CA ILE A 341 -0.84 -11.73 11.57
C ILE A 341 -0.61 -11.36 13.02
N ASN A 342 -1.63 -11.57 13.86
CA ASN A 342 -1.49 -11.34 15.29
C ASN A 342 -0.50 -12.35 15.87
N VAL A 343 0.60 -11.85 16.42
CA VAL A 343 1.62 -12.69 17.02
C VAL A 343 1.65 -12.47 18.53
N ALA A 344 2.14 -13.48 19.24
CA ALA A 344 2.30 -13.38 20.68
C ALA A 344 3.36 -12.33 21.02
N GLU A 345 3.19 -11.71 22.19
CA GLU A 345 4.18 -10.76 22.67
C GLU A 345 5.56 -11.40 22.76
N GLN A 346 5.61 -12.69 23.13
CA GLN A 346 6.87 -13.40 23.30
C GLN A 346 7.67 -13.50 22.01
N SER A 347 7.07 -13.20 20.85
CA SER A 347 7.80 -13.31 19.60
C SER A 347 8.95 -12.32 19.52
N LYS A 348 8.98 -11.32 20.39
CA LYS A 348 10.07 -10.36 20.36
C LYS A 348 11.36 -10.91 20.94
N GLU A 349 11.28 -12.01 21.70
CA GLU A 349 12.49 -12.63 22.25
C GLU A 349 13.39 -13.21 21.18
N CYS A 350 12.91 -13.33 19.93
CA CYS A 350 13.79 -13.70 18.84
C CYS A 350 14.85 -12.64 18.59
N ASN A 351 14.63 -11.41 19.04
CA ASN A 351 15.62 -10.36 19.00
C ASN A 351 16.44 -10.27 20.28
N ILE A 352 16.23 -11.21 21.22
CA ILE A 352 16.83 -11.11 22.55
C ILE A 352 17.66 -12.36 22.85
N ASN A 353 16.99 -13.51 22.97
CA ASN A 353 17.62 -14.78 23.29
C ASN A 353 17.16 -15.84 22.30
N ILE A 354 17.47 -15.65 21.01
CA ILE A 354 16.90 -16.49 19.96
C ILE A 354 17.26 -17.96 20.15
N SER A 355 18.41 -18.24 20.75
CA SER A 355 18.81 -19.64 20.93
C SER A 355 18.08 -20.29 22.10
N THR A 356 17.93 -19.56 23.21
CA THR A 356 17.41 -20.13 24.44
C THR A 356 15.92 -19.85 24.66
N THR A 357 15.30 -18.99 23.86
CA THR A 357 13.92 -18.59 24.09
C THR A 357 12.97 -19.78 23.88
N ASN A 358 11.86 -19.75 24.59
CA ASN A 358 10.80 -20.74 24.40
C ASN A 358 9.92 -20.43 23.19
N TYR A 359 10.04 -19.24 22.61
CA TYR A 359 9.24 -18.94 21.43
C TYR A 359 9.82 -19.67 20.22
N PRO A 360 8.96 -20.24 19.36
CA PRO A 360 9.45 -20.91 18.15
C PRO A 360 9.91 -19.93 17.09
N CYS A 361 11.13 -19.41 17.24
CA CYS A 361 11.65 -18.42 16.32
C CYS A 361 11.89 -19.05 14.94
N LYS A 362 11.35 -18.42 13.91
CA LYS A 362 11.36 -18.97 12.57
C LYS A 362 12.68 -18.69 11.87
N VAL A 363 13.26 -19.73 11.28
CA VAL A 363 14.51 -19.62 10.52
C VAL A 363 14.45 -20.54 9.31
N SER A 364 15.33 -20.25 8.35
CA SER A 364 15.71 -21.17 7.29
C SER A 364 17.18 -21.52 7.46
N THR A 365 17.59 -22.63 6.84
CA THR A 365 18.94 -23.13 7.01
C THR A 365 19.58 -23.47 5.67
N GLY A 366 20.90 -23.52 5.67
CA GLY A 366 21.64 -23.96 4.51
C GLY A 366 22.99 -24.53 4.92
N ARG A 367 23.52 -25.39 4.06
CA ARG A 367 24.85 -25.96 4.24
C ARG A 367 25.90 -25.20 3.45
N HIS A 368 25.52 -24.17 2.71
CA HIS A 368 26.44 -23.41 1.89
C HIS A 368 26.08 -21.93 2.01
N PRO A 369 27.08 -21.05 2.04
CA PRO A 369 26.81 -19.65 2.37
C PRO A 369 26.25 -18.88 1.19
N ILE A 370 25.44 -17.87 1.51
CA ILE A 370 24.99 -16.88 0.56
C ILE A 370 25.53 -15.54 1.00
N SER A 371 26.30 -14.90 0.13
CA SER A 371 26.79 -13.55 0.39
C SER A 371 25.77 -12.55 -0.16
N MET A 372 25.39 -11.58 0.66
CA MET A 372 24.38 -10.61 0.28
C MET A 372 24.44 -9.44 1.24
N VAL A 373 23.63 -8.42 0.95
CA VAL A 373 23.49 -7.23 1.79
C VAL A 373 22.01 -7.05 2.12
N ALA A 374 21.73 -6.87 3.41
CA ALA A 374 20.39 -6.50 3.87
C ALA A 374 20.45 -5.09 4.43
N LEU A 375 19.94 -4.13 3.68
CA LEU A 375 19.94 -2.74 4.12
C LEU A 375 19.02 -2.57 5.32
N SER A 376 19.45 -1.76 6.26
CA SER A 376 18.70 -1.42 7.46
C SER A 376 18.31 0.05 7.43
N PRO A 377 17.33 0.46 8.25
CA PRO A 377 17.01 1.89 8.34
C PRO A 377 18.21 2.77 8.66
N LEU A 378 19.13 2.30 9.51
CA LEU A 378 20.27 3.11 9.94
C LEU A 378 21.60 2.46 9.57
N GLY A 379 21.60 1.53 8.62
CA GLY A 379 22.84 0.88 8.24
C GLY A 379 22.62 -0.25 7.26
N ALA A 380 23.44 -1.29 7.39
CA ALA A 380 23.38 -2.42 6.48
C ALA A 380 24.00 -3.65 7.14
N LEU A 381 23.35 -4.79 6.93
CA LEU A 381 23.91 -6.09 7.29
C LEU A 381 24.61 -6.66 6.07
N VAL A 382 25.89 -7.00 6.23
CA VAL A 382 26.71 -7.52 5.14
C VAL A 382 27.12 -8.95 5.51
N ALA A 383 26.55 -9.92 4.81
CA ALA A 383 26.97 -11.31 4.92
C ALA A 383 28.01 -11.54 3.82
N CYS A 384 29.27 -11.60 4.20
CA CYS A 384 30.39 -11.71 3.25
C CYS A 384 31.10 -13.02 3.51
N TYR A 385 30.96 -13.97 2.58
CA TYR A 385 31.50 -15.30 2.78
C TYR A 385 32.46 -15.64 1.64
N LYS A 386 33.07 -16.82 1.75
CA LYS A 386 34.09 -17.21 0.79
C LYS A 386 33.52 -17.23 -0.63
N GLY A 387 34.25 -16.63 -1.56
CA GLY A 387 33.88 -16.57 -2.96
C GLY A 387 33.59 -15.18 -3.48
N VAL A 388 33.35 -14.20 -2.59
CA VAL A 388 33.04 -12.84 -3.01
C VAL A 388 33.95 -11.88 -2.25
N SER A 389 33.97 -10.64 -2.71
CA SER A 389 34.68 -9.56 -2.07
C SER A 389 33.71 -8.44 -1.70
N CYS A 390 33.85 -7.91 -0.50
CA CYS A 390 32.94 -6.89 0.01
C CYS A 390 33.73 -5.69 0.51
N SER A 391 33.19 -4.50 0.31
CA SER A 391 33.82 -3.27 0.75
C SER A 391 32.75 -2.25 1.08
N ILE A 392 33.16 -1.17 1.74
CA ILE A 392 32.29 -0.04 2.02
C ILE A 392 32.92 1.21 1.40
N GLY A 393 32.07 2.11 0.92
CA GLY A 393 32.51 3.26 0.17
C GLY A 393 31.93 4.55 0.70
N SER A 394 32.54 5.66 0.26
CA SER A 394 32.13 7.01 0.58
C SER A 394 31.89 7.79 -0.71
N ASN A 395 30.86 8.64 -0.71
CA ASN A 395 30.56 9.44 -1.89
C ASN A 395 31.61 10.52 -2.14
N ARG A 396 32.37 10.89 -1.11
CA ARG A 396 33.45 11.86 -1.23
C ARG A 396 34.81 11.21 -1.40
N VAL A 397 35.07 10.14 -0.65
CA VAL A 397 36.41 9.59 -0.52
C VAL A 397 36.64 8.33 -1.35
N GLY A 398 35.58 7.61 -1.71
CA GLY A 398 35.74 6.41 -2.51
C GLY A 398 35.73 5.15 -1.67
N ILE A 399 36.46 4.13 -2.10
CA ILE A 399 36.50 2.87 -1.37
C ILE A 399 37.23 3.08 -0.05
N ILE A 400 36.53 2.80 1.05
CA ILE A 400 37.10 3.04 2.37
C ILE A 400 37.97 1.88 2.81
N LYS A 401 37.47 0.66 2.64
CA LYS A 401 38.02 -0.51 3.32
C LYS A 401 37.35 -1.78 2.82
N GLN A 402 38.11 -2.87 2.73
CA GLN A 402 37.53 -4.17 2.43
C GLN A 402 37.02 -4.81 3.72
N LEU A 403 35.91 -5.52 3.61
CA LEU A 403 35.32 -6.17 4.78
C LEU A 403 35.88 -7.57 4.97
N ASN A 404 35.93 -8.00 6.23
CA ASN A 404 36.35 -9.36 6.54
C ASN A 404 35.20 -10.32 6.32
N LYS A 405 35.55 -11.60 6.10
CA LYS A 405 34.54 -12.62 5.93
C LYS A 405 33.71 -12.80 7.19
N GLY A 406 32.42 -13.04 7.02
CA GLY A 406 31.48 -13.17 8.11
C GLY A 406 30.36 -12.16 7.96
N CYS A 407 29.55 -12.05 9.02
CA CYS A 407 28.46 -11.08 9.05
C CYS A 407 28.95 -9.79 9.68
N SER A 408 28.83 -8.69 8.94
CA SER A 408 29.29 -7.38 9.40
C SER A 408 28.11 -6.40 9.42
N TYR A 409 28.13 -5.51 10.41
CA TYR A 409 27.15 -4.45 10.53
C TYR A 409 27.83 -3.13 10.19
N ILE A 410 27.31 -2.44 9.18
CA ILE A 410 27.83 -1.15 8.73
C ILE A 410 26.83 -0.07 9.10
N THR A 411 27.32 0.99 9.72
CA THR A 411 26.50 2.15 10.06
C THR A 411 26.46 3.10 8.87
N ASN A 412 25.31 3.75 8.67
CA ASN A 412 25.24 4.73 7.61
C ASN A 412 26.01 6.01 7.96
N GLN A 413 26.56 6.11 9.17
CA GLN A 413 27.57 7.11 9.47
C GLN A 413 28.96 6.65 9.07
N ASP A 414 29.19 5.34 9.06
CA ASP A 414 30.49 4.81 8.64
C ASP A 414 30.66 4.91 7.13
N ALA A 415 29.61 4.64 6.37
CA ALA A 415 29.73 4.51 4.93
C ALA A 415 28.50 5.08 4.24
N ASP A 416 28.66 5.34 2.94
CA ASP A 416 27.55 5.69 2.06
C ASP A 416 27.07 4.52 1.23
N THR A 417 27.98 3.62 0.85
CA THR A 417 27.62 2.45 0.06
C THR A 417 28.31 1.22 0.62
N VAL A 418 27.70 0.06 0.37
CA VAL A 418 28.30 -1.24 0.59
C VAL A 418 28.22 -2.01 -0.71
N THR A 419 29.27 -2.77 -1.03
CA THR A 419 29.31 -3.53 -2.26
C THR A 419 29.60 -4.99 -1.99
N ILE A 420 28.90 -5.86 -2.72
CA ILE A 420 29.29 -7.26 -2.87
C ILE A 420 29.82 -7.39 -4.29
N ASP A 421 31.12 -7.65 -4.42
CA ASP A 421 31.81 -7.57 -5.70
C ASP A 421 31.57 -6.21 -6.32
N ASN A 422 30.89 -6.15 -7.47
CA ASN A 422 30.60 -4.87 -8.10
C ASN A 422 29.18 -4.35 -7.83
N THR A 423 28.34 -5.14 -7.16
CA THR A 423 26.96 -4.72 -6.89
C THR A 423 26.95 -3.69 -5.77
N VAL A 424 26.45 -2.49 -6.07
CA VAL A 424 26.43 -1.39 -5.12
C VAL A 424 25.09 -1.37 -4.39
N TYR A 425 25.13 -1.20 -3.07
CA TYR A 425 23.95 -0.99 -2.25
C TYR A 425 24.10 0.35 -1.56
N GLN A 426 23.23 1.30 -1.90
CA GLN A 426 23.28 2.64 -1.32
C GLN A 426 22.59 2.63 0.03
N LEU A 427 23.30 3.09 1.06
CA LEU A 427 22.72 3.15 2.39
C LEU A 427 21.79 4.34 2.52
N SER A 428 20.85 4.23 3.46
CA SER A 428 20.00 5.37 3.77
C SER A 428 20.78 6.41 4.56
N LYS A 429 20.23 7.62 4.62
CA LYS A 429 20.79 8.68 5.44
C LYS A 429 19.89 9.02 6.63
N VAL A 430 19.02 8.08 7.03
CA VAL A 430 18.18 8.29 8.19
C VAL A 430 19.05 8.42 9.43
N GLU A 431 18.67 9.33 10.31
CA GLU A 431 19.45 9.62 11.52
C GLU A 431 18.88 8.87 12.72
N GLY A 432 19.77 8.44 13.59
CA GLY A 432 19.39 7.68 14.76
C GLY A 432 20.60 6.98 15.36
N GLU A 433 20.39 6.47 16.58
CA GLU A 433 21.47 5.84 17.33
C GLU A 433 21.54 4.35 17.03
N GLN A 434 22.75 3.88 16.76
CA GLN A 434 23.02 2.46 16.54
C GLN A 434 23.62 1.84 17.81
N HIS A 435 23.32 0.56 18.02
CA HIS A 435 23.85 -0.17 19.15
C HIS A 435 24.11 -1.61 18.73
N VAL A 436 25.24 -2.15 19.18
CA VAL A 436 25.59 -3.55 18.94
C VAL A 436 25.26 -4.33 20.19
N ILE A 437 24.41 -5.34 20.04
CA ILE A 437 24.08 -6.26 21.13
C ILE A 437 24.94 -7.49 20.92
N LYS A 438 26.04 -7.57 21.66
CA LYS A 438 27.04 -8.61 21.44
C LYS A 438 26.48 -9.99 21.74
N GLY A 439 27.00 -10.98 21.01
CA GLY A 439 26.63 -12.36 21.22
C GLY A 439 27.29 -13.28 20.21
N ARG A 440 27.69 -14.46 20.65
CA ARG A 440 28.22 -15.44 19.71
C ARG A 440 27.12 -15.84 18.74
N PRO A 441 27.40 -15.83 17.44
CA PRO A 441 26.36 -16.25 16.47
C PRO A 441 25.87 -17.66 16.77
N VAL A 442 24.54 -17.82 16.77
CA VAL A 442 23.96 -19.12 17.03
C VAL A 442 24.48 -20.15 16.04
N SER A 443 24.72 -19.73 14.80
CA SER A 443 25.26 -20.64 13.79
C SER A 443 26.62 -21.20 14.17
N SER A 444 27.37 -20.52 15.05
CA SER A 444 28.68 -21.02 15.46
C SER A 444 28.56 -22.26 16.35
N SER A 445 27.42 -22.47 17.00
CA SER A 445 27.25 -23.63 17.86
C SER A 445 27.04 -24.93 17.09
N PHE A 446 26.82 -24.86 15.78
CA PHE A 446 26.52 -26.04 14.99
C PHE A 446 27.78 -26.73 14.51
N ASP A 447 27.76 -28.06 14.55
CA ASP A 447 28.77 -28.85 13.84
C ASP A 447 28.30 -29.04 12.41
N PRO A 448 29.02 -28.50 11.41
CA PRO A 448 28.54 -28.62 10.02
C PRO A 448 28.41 -30.05 9.55
N VAL A 449 29.24 -30.97 10.07
CA VAL A 449 29.16 -32.36 9.69
C VAL A 449 27.86 -33.00 10.17
N LYS A 450 27.22 -32.43 11.18
CA LYS A 450 25.96 -32.94 11.71
C LYS A 450 24.78 -32.03 11.42
N PHE A 451 24.98 -30.99 10.60
CA PHE A 451 23.90 -30.06 10.32
C PHE A 451 22.85 -30.71 9.42
N PRO A 452 21.56 -30.45 9.66
CA PRO A 452 20.49 -31.16 8.95
C PRO A 452 20.34 -30.69 7.50
N GLU A 453 19.45 -31.38 6.79
CA GLU A 453 19.02 -30.99 5.46
C GLU A 453 18.46 -29.58 5.47
N ASP A 454 18.49 -28.93 4.30
CA ASP A 454 18.03 -27.54 4.20
C ASP A 454 16.58 -27.40 4.65
N GLN A 455 16.34 -26.44 5.54
CA GLN A 455 15.04 -26.20 6.13
C GLN A 455 14.49 -24.85 5.66
N PHE A 456 13.17 -24.79 5.50
CA PHE A 456 12.47 -23.59 5.06
C PHE A 456 11.40 -23.23 6.08
N ASN A 457 11.58 -22.10 6.74
CA ASN A 457 10.60 -21.53 7.69
C ASN A 457 10.20 -22.56 8.74
N VAL A 458 11.20 -23.01 9.50
CA VAL A 458 10.97 -23.93 10.59
C VAL A 458 11.36 -23.26 11.90
N ALA A 459 10.72 -23.68 12.98
CA ALA A 459 11.11 -23.19 14.29
C ALA A 459 12.55 -23.59 14.59
N LEU A 460 13.30 -22.66 15.19
CA LEU A 460 14.73 -22.91 15.41
C LEU A 460 14.97 -24.12 16.29
N ASP A 461 14.10 -24.37 17.27
CA ASP A 461 14.29 -25.53 18.13
C ASP A 461 14.05 -26.84 17.38
N GLN A 462 13.38 -26.79 16.23
CA GLN A 462 13.25 -27.98 15.39
C GLN A 462 14.53 -28.29 14.63
N VAL A 463 15.38 -27.29 14.40
CA VAL A 463 16.71 -27.53 13.86
C VAL A 463 17.56 -28.26 14.88
N PHE A 464 17.57 -27.78 16.12
CA PHE A 464 18.30 -28.47 17.18
C PHE A 464 17.72 -29.87 17.41
N GLU A 465 16.39 -30.00 17.36
CA GLU A 465 15.77 -31.31 17.54
C GLU A 465 16.20 -32.27 16.45
N SER A 466 16.36 -31.77 15.22
CA SER A 466 16.80 -32.62 14.12
C SER A 466 18.21 -33.15 14.36
N ILE A 467 19.11 -32.28 14.80
CA ILE A 467 20.48 -32.70 15.09
C ILE A 467 20.51 -33.69 16.25
N GLU A 468 19.79 -33.36 17.33
CA GLU A 468 19.80 -34.21 18.52
C GLU A 468 19.14 -35.56 18.26
N ASN A 469 18.06 -35.58 17.49
CA ASN A 469 17.39 -36.85 17.21
C ASN A 469 18.23 -37.71 16.26
N SER A 470 18.81 -37.09 15.23
CA SER A 470 19.59 -37.85 14.26
C SER A 470 20.85 -38.47 14.88
N GLN A 471 21.35 -37.90 15.98
CA GLN A 471 22.53 -38.43 16.64
C GLN A 471 22.20 -39.55 17.63
N ALA A 472 21.01 -39.52 18.23
CA ALA A 472 20.59 -40.55 19.18
C ALA A 472 20.39 -41.89 18.47
#